data_4M7I
#
_entry.id   4M7I
#
_cell.length_a   101.060
_cell.length_b   101.060
_cell.length_c   158.028
_cell.angle_alpha   90.00
_cell.angle_beta   90.00
_cell.angle_gamma   120.00
#
_symmetry.space_group_name_H-M   'P 61 2 2'
#
loop_
_entity.id
_entity.type
_entity.pdbx_description
1 polymer 'Eukaryotic translation initiation factor 2-alpha kinase 3'
2 non-polymer 1-[5-(4-amino-7-methyl-7H-pyrrolo[2,3-d]pyrimidin-5-yl)-4-fluoro-1H-indol-1-yl]-2-(6-methylpyridin-2-yl)ethanone
3 water water
#
_entity_poly.entity_id   1
_entity_poly.type   'polypeptide(L)'
_entity_poly.pdbx_seq_one_letter_code
;GRYLTDFEPIQCLGRGGFGVVFEAKNKVDDCNYAIKRIRLPNRELAREKVMREVKALAKLEHPGIVRYFNAWLEKNTTEK
LQPSSPKVYLYIQMQLCRKENLKDWMNGRCTIEERERSVCLHIFLQIAEAVEFLHSKGLMHRDLKPSNIFFTMDDVVKVG
DFGLVTAMDQDEEEQTVLTPMPAYARHTGQVGTKLYMSPEQIHGNSYSHKVDIFSLGLILFELLYPFSTQMERVRTLTDV
RNLKFPPLFTQKYPCEYVMVQDMLSPSPMERPEAINIIENAVFEDLDFPGKTVLRQRSR
;
_entity_poly.pdbx_strand_id   A
#
loop_
_chem_comp.id
_chem_comp.type
_chem_comp.name
_chem_comp.formula
27D non-polymer 1-[5-(4-amino-7-methyl-7H-pyrrolo[2,3-d]pyrimidin-5-yl)-4-fluoro-1H-indol-1-yl]-2-(6-methylpyridin-2-yl)ethanone 'C23 H19 F N6 O'
#
# COMPACT_ATOMS: atom_id res chain seq x y z
N GLY A 1 -9.94 15.24 -22.95
CA GLY A 1 -10.84 16.39 -23.03
C GLY A 1 -10.35 17.44 -22.06
N ARG A 2 -11.00 17.53 -20.91
CA ARG A 2 -10.51 18.41 -19.85
C ARG A 2 -9.08 18.04 -19.48
N TYR A 3 -8.77 16.76 -19.52
CA TYR A 3 -7.44 16.29 -19.24
C TYR A 3 -6.44 16.89 -20.24
N LEU A 4 -6.67 16.68 -21.54
CA LEU A 4 -5.75 17.19 -22.56
C LEU A 4 -5.77 18.71 -22.63
N THR A 5 -6.84 19.32 -22.16
CA THR A 5 -6.95 20.78 -22.15
C THR A 5 -6.19 21.42 -20.99
N ASP A 6 -6.43 20.92 -19.79
CA ASP A 6 -5.91 21.53 -18.59
C ASP A 6 -4.55 20.98 -18.15
N PHE A 7 -4.11 19.88 -18.75
CA PHE A 7 -2.86 19.25 -18.33
C PHE A 7 -1.87 19.01 -19.46
N GLU A 8 -0.59 19.06 -19.11
CA GLU A 8 0.47 18.61 -20.00
C GLU A 8 1.02 17.29 -19.48
N PRO A 9 0.88 16.22 -20.27
CA PRO A 9 1.41 14.90 -19.90
C PRO A 9 2.92 14.93 -19.77
N ILE A 10 3.47 14.21 -18.81
CA ILE A 10 4.91 14.11 -18.60
C ILE A 10 5.39 12.67 -18.82
N GLN A 11 4.67 11.71 -18.25
CA GLN A 11 5.04 10.31 -18.39
C GLN A 11 4.04 9.36 -17.74
N CYS A 12 3.99 8.12 -18.22
CA CYS A 12 3.17 7.09 -17.61
C CYS A 12 3.88 6.54 -16.38
N LEU A 13 3.18 6.51 -15.26
CA LEU A 13 3.76 6.06 -14.00
C LEU A 13 3.42 4.61 -13.68
N GLY A 14 2.43 4.05 -14.36
CA GLY A 14 2.02 2.69 -14.06
C GLY A 14 0.72 2.31 -14.75
N ARG A 15 0.55 1.01 -15.02
CA ARG A 15 -0.63 0.51 -15.71
C ARG A 15 -1.11 -0.81 -15.10
N PHE A 18 -5.38 -2.48 -13.12
CA PHE A 18 -6.58 -1.79 -12.67
C PHE A 18 -6.94 -0.63 -13.59
N GLY A 19 -5.92 0.07 -14.06
CA GLY A 19 -6.07 1.26 -14.88
C GLY A 19 -4.70 1.83 -15.22
N VAL A 20 -4.64 3.11 -15.58
CA VAL A 20 -3.37 3.76 -15.89
C VAL A 20 -3.12 5.02 -15.06
N VAL A 21 -1.88 5.21 -14.61
CA VAL A 21 -1.50 6.41 -13.87
C VAL A 21 -0.45 7.24 -14.60
N PHE A 22 -0.75 8.51 -14.82
CA PHE A 22 0.14 9.42 -15.53
C PHE A 22 0.66 10.51 -14.60
N GLU A 23 1.93 10.87 -14.75
CA GLU A 23 2.39 12.13 -14.17
C GLU A 23 2.03 13.24 -15.16
N ALA A 24 1.43 14.31 -14.67
CA ALA A 24 1.06 15.41 -15.56
C ALA A 24 1.02 16.75 -14.84
N LYS A 25 1.25 17.82 -15.60
CA LYS A 25 1.38 19.14 -15.01
C LYS A 25 0.14 19.97 -15.30
N ASN A 26 -0.44 20.55 -14.27
CA ASN A 26 -1.61 21.38 -14.47
C ASN A 26 -1.17 22.71 -15.04
N LYS A 27 -1.74 23.09 -16.17
CA LYS A 27 -1.33 24.31 -16.86
C LYS A 27 -1.53 25.54 -16.00
N VAL A 28 -2.63 25.57 -15.24
CA VAL A 28 -2.96 26.76 -14.47
C VAL A 28 -2.11 26.92 -13.21
N ASP A 29 -1.90 25.85 -12.45
CA ASP A 29 -1.16 25.96 -11.19
C ASP A 29 0.28 25.43 -11.25
N ASP A 30 0.66 24.91 -12.41
CA ASP A 30 2.05 24.53 -12.66
C ASP A 30 2.60 23.41 -11.78
N CYS A 31 1.71 22.79 -10.99
CA CYS A 31 2.12 21.64 -10.19
C CYS A 31 2.02 20.35 -10.99
N ASN A 32 2.86 19.39 -10.65
CA ASN A 32 2.77 18.06 -11.22
C ASN A 32 1.92 17.14 -10.34
N TYR A 33 1.12 16.29 -10.96
CA TYR A 33 0.22 15.41 -10.23
C TYR A 33 0.26 14.00 -10.80
N ALA A 34 -0.16 13.04 -9.99
CA ALA A 34 -0.37 11.70 -10.49
C ALA A 34 -1.85 11.59 -10.82
N ILE A 35 -2.14 11.28 -12.07
CA ILE A 35 -3.53 11.23 -12.49
C ILE A 35 -3.90 9.84 -12.94
N LYS A 36 -4.84 9.24 -12.23
CA LYS A 36 -5.29 7.90 -12.55
C LYS A 36 -6.49 7.92 -13.48
N ARG A 37 -6.38 7.18 -14.58
CA ARG A 37 -7.47 7.04 -15.52
C ARG A 37 -7.94 5.61 -15.51
N ILE A 38 -9.23 5.43 -15.24
CA ILE A 38 -9.84 4.10 -15.23
C ILE A 38 -10.97 4.06 -16.25
N ARG A 39 -11.14 2.92 -16.91
CA ARG A 39 -12.26 2.71 -17.81
C ARG A 39 -13.51 2.40 -16.99
N LEU A 40 -14.52 3.25 -17.11
CA LEU A 40 -15.73 3.12 -16.30
C LEU A 40 -16.64 2.02 -16.84
N PRO A 41 -17.15 1.16 -15.94
CA PRO A 41 -18.07 0.06 -16.30
C PRO A 41 -19.21 0.53 -17.18
N ASN A 42 -19.61 -0.32 -18.13
CA ASN A 42 -20.71 0.00 -19.03
C ASN A 42 -22.06 -0.17 -18.32
N ARG A 43 -22.21 -1.29 -17.61
CA ARG A 43 -23.43 -1.57 -16.86
C ARG A 43 -23.71 -0.46 -15.84
N GLU A 44 -24.95 0.03 -15.83
CA GLU A 44 -25.32 1.17 -14.99
C GLU A 44 -25.16 0.91 -13.48
N LEU A 45 -25.55 -0.27 -13.01
CA LEU A 45 -25.43 -0.60 -11.60
C LEU A 45 -23.95 -0.69 -11.17
N ALA A 46 -23.14 -1.32 -12.00
CA ALA A 46 -21.72 -1.47 -11.71
C ALA A 46 -21.00 -0.12 -11.69
N ARG A 47 -21.45 0.79 -12.54
CA ARG A 47 -20.92 2.14 -12.58
C ARG A 47 -21.19 2.86 -11.26
N GLU A 48 -22.44 2.84 -10.82
CA GLU A 48 -22.83 3.49 -9.58
C GLU A 48 -22.02 3.00 -8.38
N LYS A 49 -21.61 1.74 -8.42
CA LYS A 49 -20.76 1.22 -7.35
C LYS A 49 -19.44 2.00 -7.32
N VAL A 50 -18.77 2.10 -8.47
CA VAL A 50 -17.54 2.87 -8.56
C VAL A 50 -17.71 4.32 -8.07
N MET A 51 -18.74 5.00 -8.55
CA MET A 51 -18.99 6.38 -8.17
C MET A 51 -19.27 6.57 -6.69
N ARG A 52 -19.76 5.53 -6.02
CA ARG A 52 -20.00 5.64 -4.58
C ARG A 52 -18.67 5.52 -3.84
N GLU A 53 -17.80 4.67 -4.35
CA GLU A 53 -16.50 4.48 -3.75
C GLU A 53 -15.69 5.79 -3.84
N VAL A 54 -15.80 6.47 -4.98
CA VAL A 54 -15.12 7.73 -5.14
C VAL A 54 -15.56 8.75 -4.10
N LYS A 55 -16.86 8.92 -3.94
CA LYS A 55 -17.40 9.85 -2.95
C LYS A 55 -16.96 9.54 -1.52
N ALA A 56 -16.70 8.27 -1.23
CA ALA A 56 -16.28 7.88 0.11
C ALA A 56 -14.82 8.24 0.33
N LEU A 57 -13.97 7.82 -0.60
CA LEU A 57 -12.54 8.09 -0.56
C LEU A 57 -12.21 9.58 -0.56
N ALA A 58 -12.96 10.35 -1.33
CA ALA A 58 -12.69 11.79 -1.41
C ALA A 58 -12.88 12.52 -0.07
N LYS A 59 -13.39 11.82 0.92
CA LYS A 59 -13.63 12.46 2.21
C LYS A 59 -12.49 12.20 3.15
N LEU A 60 -11.62 11.26 2.77
CA LEU A 60 -10.51 10.83 3.61
C LEU A 60 -9.36 11.84 3.65
N GLU A 61 -8.86 12.06 4.86
CA GLU A 61 -7.75 12.96 5.10
C GLU A 61 -6.91 12.38 6.23
N HIS A 62 -5.68 11.96 5.93
CA HIS A 62 -4.81 11.33 6.92
C HIS A 62 -3.34 11.44 6.45
N PRO A 63 -2.39 11.58 7.39
CA PRO A 63 -0.96 11.70 7.04
C PRO A 63 -0.45 10.54 6.19
N GLY A 64 -1.07 9.37 6.30
CA GLY A 64 -0.63 8.20 5.56
C GLY A 64 -1.44 7.93 4.31
N ILE A 65 -2.31 8.87 3.95
CA ILE A 65 -3.14 8.72 2.77
C ILE A 65 -2.75 9.78 1.74
N VAL A 66 -2.54 9.36 0.49
CA VAL A 66 -2.14 10.31 -0.53
C VAL A 66 -3.19 11.40 -0.66
N ARG A 67 -2.73 12.64 -0.67
CA ARG A 67 -3.61 13.80 -0.75
C ARG A 67 -4.39 13.80 -2.07
N TYR A 68 -5.67 14.12 -1.99
CA TYR A 68 -6.58 14.07 -3.13
C TYR A 68 -6.90 15.48 -3.63
N PHE A 69 -7.07 15.63 -4.94
CA PHE A 69 -7.34 16.95 -5.52
C PHE A 69 -8.63 17.05 -6.31
N ASN A 70 -8.88 16.09 -7.19
CA ASN A 70 -10.01 16.18 -8.09
C ASN A 70 -10.40 14.86 -8.76
N ALA A 71 -11.68 14.74 -9.09
CA ALA A 71 -12.18 13.61 -9.88
C ALA A 71 -13.20 14.11 -10.90
N TRP A 72 -13.10 13.61 -12.12
CA TRP A 72 -14.05 13.97 -13.17
C TRP A 72 -14.20 12.86 -14.20
N LEU A 73 -15.30 12.91 -14.95
CA LEU A 73 -15.56 11.95 -16.01
C LEU A 73 -15.42 12.61 -17.38
N GLU A 74 -15.01 11.81 -18.36
CA GLU A 74 -14.92 12.25 -19.75
C GLU A 74 -15.45 11.15 -20.67
N LYS A 75 -16.12 11.54 -21.76
CA LYS A 75 -16.61 10.58 -22.76
C LYS A 75 -15.53 10.33 -23.83
N LYS A 87 -18.27 4.21 -23.88
CA LYS A 87 -16.99 4.38 -23.19
C LYS A 87 -16.93 5.69 -22.40
N VAL A 88 -16.67 5.56 -21.10
CA VAL A 88 -16.47 6.71 -20.22
C VAL A 88 -15.24 6.49 -19.35
N TYR A 89 -14.45 7.54 -19.18
CA TYR A 89 -13.26 7.48 -18.34
C TYR A 89 -13.41 8.28 -17.05
N LEU A 90 -13.07 7.66 -15.93
CA LEU A 90 -13.00 8.37 -14.65
C LEU A 90 -11.56 8.80 -14.42
N TYR A 91 -11.38 10.08 -14.12
CA TYR A 91 -10.07 10.64 -13.83
C TYR A 91 -9.94 10.98 -12.35
N ILE A 92 -8.86 10.55 -11.72
CA ILE A 92 -8.59 10.87 -10.32
C ILE A 92 -7.22 11.56 -10.20
N GLN A 93 -7.23 12.79 -9.71
CA GLN A 93 -6.02 13.60 -9.59
C GLN A 93 -5.51 13.62 -8.15
N MET A 94 -4.34 13.01 -7.94
CA MET A 94 -3.73 12.87 -6.62
C MET A 94 -2.39 13.61 -6.57
N GLN A 95 -1.89 13.85 -5.36
CA GLN A 95 -0.57 14.40 -5.18
C GLN A 95 0.45 13.43 -5.77
N LEU A 96 1.44 13.98 -6.47
CA LEU A 96 2.52 13.17 -7.05
C LEU A 96 3.52 12.79 -6.00
N CYS A 97 3.71 11.50 -5.77
CA CYS A 97 4.72 11.02 -4.84
C CYS A 97 6.08 10.76 -5.56
N ARG A 98 7.11 10.41 -4.80
CA ARG A 98 8.42 10.15 -5.39
C ARG A 98 8.39 8.96 -6.31
N LYS A 99 9.40 8.88 -7.17
CA LYS A 99 9.53 7.79 -8.12
C LYS A 99 10.04 6.56 -7.38
N GLU A 100 10.82 6.79 -6.34
CA GLU A 100 11.32 5.70 -5.51
C GLU A 100 10.24 5.23 -4.52
N ASN A 101 9.56 4.14 -4.84
CA ASN A 101 8.58 3.57 -3.93
C ASN A 101 9.28 2.71 -2.88
N LEU A 102 8.51 2.02 -2.06
CA LEU A 102 9.08 1.27 -0.95
C LEU A 102 9.82 0.02 -1.44
N LYS A 103 9.36 -0.54 -2.55
CA LYS A 103 10.05 -1.65 -3.16
C LYS A 103 11.45 -1.21 -3.63
N ASP A 104 11.52 -0.07 -4.33
CA ASP A 104 12.80 0.52 -4.71
C ASP A 104 13.66 0.78 -3.48
N TRP A 105 13.06 1.37 -2.46
CA TRP A 105 13.77 1.74 -1.25
C TRP A 105 14.50 0.53 -0.70
N MET A 106 13.82 -0.61 -0.66
CA MET A 106 14.43 -1.81 -0.11
C MET A 106 15.49 -2.39 -1.05
N ASN A 107 15.25 -2.25 -2.35
CA ASN A 107 16.18 -2.77 -3.36
C ASN A 107 17.55 -2.10 -3.29
N GLY A 108 17.58 -0.79 -3.10
CA GLY A 108 18.81 -0.04 -2.94
C GLY A 108 19.44 -0.16 -1.56
N ARG A 109 18.87 -0.98 -0.68
CA ARG A 109 19.41 -1.16 0.67
C ARG A 109 19.49 -2.62 1.07
N CYS A 110 20.42 -3.36 0.46
CA CYS A 110 20.49 -4.82 0.62
C CYS A 110 21.42 -5.31 1.73
N THR A 111 21.84 -4.43 2.62
CA THR A 111 22.65 -4.87 3.74
C THR A 111 21.99 -4.51 5.05
N ILE A 112 22.22 -5.31 6.08
CA ILE A 112 21.70 -4.98 7.40
C ILE A 112 21.97 -3.53 7.78
N GLU A 113 23.23 -3.12 7.67
CA GLU A 113 23.64 -1.76 8.05
C GLU A 113 22.79 -0.68 7.38
N GLU A 114 22.28 -0.99 6.20
CA GLU A 114 21.43 -0.04 5.49
C GLU A 114 19.95 -0.14 5.89
N ARG A 115 19.60 -1.15 6.68
CA ARG A 115 18.25 -1.22 7.22
C ARG A 115 18.26 -1.03 8.76
N GLU A 116 18.53 0.20 9.19
CA GLU A 116 18.52 0.57 10.61
C GLU A 116 17.16 0.23 11.22
N ARG A 117 17.19 -0.44 12.37
CA ARG A 117 15.99 -0.87 13.05
C ARG A 117 14.96 0.26 13.14
N SER A 118 15.36 1.40 13.69
CA SER A 118 14.47 2.52 13.93
C SER A 118 13.83 3.12 12.69
N VAL A 119 14.60 3.24 11.62
CA VAL A 119 14.09 3.80 10.38
C VAL A 119 13.04 2.86 9.78
N CYS A 120 13.26 1.57 9.94
CA CYS A 120 12.39 0.57 9.37
C CYS A 120 11.05 0.52 10.11
N LEU A 121 11.11 0.45 11.44
CA LEU A 121 9.93 0.44 12.28
C LEU A 121 9.11 1.72 12.11
N HIS A 122 9.78 2.86 12.04
CA HIS A 122 9.11 4.13 11.78
C HIS A 122 8.41 4.12 10.43
N ILE A 123 8.98 3.41 9.46
CA ILE A 123 8.32 3.29 8.18
C ILE A 123 7.08 2.42 8.32
N PHE A 124 7.24 1.26 8.94
CA PHE A 124 6.14 0.34 9.09
C PHE A 124 5.02 0.98 9.89
N LEU A 125 5.39 1.69 10.95
CA LEU A 125 4.43 2.31 11.84
C LEU A 125 3.48 3.25 11.09
N GLN A 126 4.01 4.04 10.17
CA GLN A 126 3.17 4.94 9.39
C GLN A 126 2.20 4.18 8.49
N ILE A 127 2.65 3.03 8.01
CA ILE A 127 1.79 2.20 7.18
C ILE A 127 0.65 1.67 8.03
N ALA A 128 1.00 1.16 9.21
CA ALA A 128 0.04 0.56 10.10
C ALA A 128 -0.97 1.60 10.61
N GLU A 129 -0.52 2.83 10.82
CA GLU A 129 -1.44 3.86 11.28
C GLU A 129 -2.43 4.27 10.20
N ALA A 130 -1.97 4.33 8.94
CA ALA A 130 -2.84 4.61 7.83
C ALA A 130 -3.89 3.51 7.69
N VAL A 131 -3.44 2.27 7.85
CA VAL A 131 -4.34 1.13 7.79
C VAL A 131 -5.37 1.14 8.95
N GLU A 132 -4.92 1.52 10.15
CA GLU A 132 -5.85 1.59 11.28
C GLU A 132 -6.92 2.66 11.05
N PHE A 133 -6.52 3.80 10.52
CA PHE A 133 -7.45 4.86 10.16
C PHE A 133 -8.54 4.33 9.24
N LEU A 134 -8.15 3.67 8.15
CA LEU A 134 -9.09 3.12 7.19
C LEU A 134 -10.08 2.15 7.86
N HIS A 135 -9.55 1.18 8.58
CA HIS A 135 -10.38 0.18 9.24
C HIS A 135 -11.40 0.84 10.15
N SER A 136 -10.97 1.89 10.85
CA SER A 136 -11.82 2.58 11.78
C SER A 136 -12.98 3.25 11.04
N LYS A 137 -12.79 3.51 9.76
CA LYS A 137 -13.84 4.10 8.93
C LYS A 137 -14.68 3.04 8.23
N GLY A 138 -14.38 1.78 8.48
CA GLY A 138 -15.10 0.70 7.82
C GLY A 138 -14.59 0.40 6.42
N LEU A 139 -13.42 0.95 6.07
CA LEU A 139 -12.78 0.67 4.77
C LEU A 139 -11.60 -0.28 4.96
N MET A 140 -11.20 -0.93 3.88
CA MET A 140 -9.96 -1.67 3.89
C MET A 140 -9.11 -1.33 2.67
N HIS A 141 -7.84 -1.67 2.73
CA HIS A 141 -6.94 -1.31 1.64
C HIS A 141 -6.95 -2.36 0.54
N ARG A 142 -6.68 -3.61 0.91
CA ARG A 142 -6.72 -4.72 -0.05
C ARG A 142 -5.52 -4.81 -0.98
N ASP A 143 -4.72 -3.74 -1.11
CA ASP A 143 -3.64 -3.79 -2.10
C ASP A 143 -2.30 -3.33 -1.52
N LEU A 144 -1.97 -3.80 -0.31
CA LEU A 144 -0.74 -3.39 0.36
C LEU A 144 0.44 -4.24 -0.09
N LYS A 145 1.46 -3.57 -0.62
CA LYS A 145 2.69 -4.23 -1.09
C LYS A 145 3.67 -3.10 -1.38
N PRO A 146 4.97 -3.37 -1.22
CA PRO A 146 5.97 -2.31 -1.36
C PRO A 146 5.90 -1.52 -2.66
N SER A 147 5.55 -2.14 -3.79
CA SER A 147 5.49 -1.37 -5.04
C SER A 147 4.32 -0.40 -5.03
N ASN A 148 3.44 -0.56 -4.05
CA ASN A 148 2.28 0.32 -3.89
C ASN A 148 2.30 1.00 -2.53
N ILE A 149 3.50 1.24 -2.02
CA ILE A 149 3.67 2.12 -0.88
C ILE A 149 4.64 3.24 -1.27
N PHE A 150 4.27 4.49 -1.00
CA PHE A 150 4.99 5.63 -1.53
C PHE A 150 5.58 6.54 -0.45
N PHE A 151 6.37 7.49 -0.92
CA PHE A 151 6.98 8.55 -0.12
C PHE A 151 6.61 9.87 -0.78
N THR A 152 6.19 10.87 -0.01
CA THR A 152 5.97 12.18 -0.60
C THR A 152 7.31 12.83 -0.87
N MET A 153 7.30 13.99 -1.52
CA MET A 153 8.54 14.72 -1.71
C MET A 153 9.17 15.10 -0.35
N ASP A 154 8.36 15.18 0.70
CA ASP A 154 8.86 15.45 2.05
C ASP A 154 9.17 14.19 2.84
N ASP A 155 9.14 13.05 2.15
CA ASP A 155 9.46 11.76 2.76
C ASP A 155 8.44 11.22 3.77
N VAL A 156 7.19 11.68 3.68
CA VAL A 156 6.14 11.03 4.43
C VAL A 156 5.71 9.74 3.71
N VAL A 157 5.61 8.67 4.47
CA VAL A 157 5.11 7.38 3.96
C VAL A 157 3.60 7.42 3.69
N LYS A 158 3.20 6.90 2.54
CA LYS A 158 1.81 6.87 2.11
C LYS A 158 1.45 5.47 1.65
N VAL A 159 0.32 4.95 2.09
CA VAL A 159 -0.17 3.73 1.43
C VAL A 159 -0.61 4.12 0.02
N GLY A 160 -0.50 3.18 -0.91
CA GLY A 160 -0.76 3.49 -2.29
C GLY A 160 -2.21 3.43 -2.73
N ASP A 161 -2.38 3.23 -4.03
CA ASP A 161 -3.68 3.25 -4.66
C ASP A 161 -4.54 2.12 -4.10
N PHE A 162 -5.81 2.42 -3.82
CA PHE A 162 -6.77 1.42 -3.36
C PHE A 162 -8.16 1.94 -3.67
N GLY A 163 -9.17 1.10 -3.48
CA GLY A 163 -10.55 1.55 -3.50
C GLY A 163 -11.50 0.98 -4.55
N LEU A 164 -11.01 0.70 -5.75
CA LEU A 164 -11.94 0.42 -6.85
C LEU A 164 -11.91 -1.00 -7.41
N VAL A 165 -12.17 -2.00 -6.56
CA VAL A 165 -12.16 -3.39 -7.00
C VAL A 165 -13.07 -4.27 -6.14
N GLY A 192 -1.08 -8.43 -10.99
CA GLY A 192 -0.07 -8.08 -10.00
C GLY A 192 0.35 -9.27 -9.15
N THR A 193 1.43 -9.11 -8.39
CA THR A 193 1.87 -10.16 -7.48
C THR A 193 0.81 -10.39 -6.39
N LYS A 194 0.68 -11.66 -5.99
CA LYS A 194 -0.26 -12.05 -4.94
C LYS A 194 0.54 -12.44 -3.71
N LEU A 195 1.82 -12.07 -3.75
CA LEU A 195 2.77 -12.45 -2.72
C LEU A 195 2.41 -11.88 -1.33
N TYR A 196 1.76 -10.72 -1.31
CA TYR A 196 1.38 -10.08 -0.05
C TYR A 196 -0.09 -10.28 0.27
N MET A 197 -0.75 -11.11 -0.54
CA MET A 197 -2.19 -11.30 -0.46
C MET A 197 -2.53 -12.44 0.49
N SER A 198 -3.48 -12.20 1.39
CA SER A 198 -3.93 -13.24 2.32
C SER A 198 -4.54 -14.43 1.58
N PRO A 199 -4.42 -15.62 2.17
CA PRO A 199 -5.00 -16.86 1.63
C PRO A 199 -6.46 -16.68 1.20
N GLU A 200 -7.28 -16.16 2.09
CA GLU A 200 -8.71 -16.07 1.81
C GLU A 200 -8.98 -15.12 0.65
N GLN A 201 -8.13 -14.12 0.50
CA GLN A 201 -8.27 -13.16 -0.59
C GLN A 201 -7.79 -13.76 -1.92
N ILE A 202 -6.77 -14.61 -1.85
CA ILE A 202 -6.29 -15.30 -3.04
C ILE A 202 -7.36 -16.27 -3.55
N HIS A 203 -7.99 -16.99 -2.64
CA HIS A 203 -8.92 -18.05 -3.01
C HIS A 203 -10.37 -17.60 -3.19
N GLY A 204 -10.62 -16.30 -3.11
CA GLY A 204 -11.95 -15.78 -3.37
C GLY A 204 -12.95 -16.03 -2.25
N ASN A 205 -12.46 -16.47 -1.10
CA ASN A 205 -13.34 -16.64 0.06
C ASN A 205 -13.81 -15.30 0.63
N SER A 206 -14.86 -15.32 1.44
CA SER A 206 -15.31 -14.10 2.08
C SER A 206 -14.16 -13.58 2.93
N TYR A 207 -14.04 -12.27 3.04
CA TYR A 207 -12.96 -11.72 3.81
C TYR A 207 -13.27 -10.36 4.42
N SER A 208 -12.48 -9.99 5.41
CA SER A 208 -12.66 -8.75 6.17
C SER A 208 -11.37 -7.94 6.16
N HIS A 209 -11.38 -6.84 6.90
CA HIS A 209 -10.22 -5.98 7.10
C HIS A 209 -8.98 -6.76 7.56
N LYS A 210 -9.17 -7.96 8.08
CA LYS A 210 -8.06 -8.79 8.49
C LYS A 210 -7.10 -9.13 7.33
N VAL A 211 -7.55 -8.96 6.09
CA VAL A 211 -6.64 -9.23 4.97
C VAL A 211 -5.47 -8.26 4.98
N ASP A 212 -5.71 -7.01 5.40
CA ASP A 212 -4.66 -6.03 5.46
C ASP A 212 -3.63 -6.41 6.52
N ILE A 213 -4.07 -7.12 7.56
CA ILE A 213 -3.14 -7.46 8.63
C ILE A 213 -2.10 -8.44 8.12
N PHE A 214 -2.53 -9.35 7.25
CA PHE A 214 -1.64 -10.35 6.68
C PHE A 214 -0.55 -9.63 5.86
N SER A 215 -0.96 -8.78 4.92
CA SER A 215 -0.01 -7.96 4.19
C SER A 215 0.99 -7.23 5.08
N LEU A 216 0.49 -6.57 6.12
CA LEU A 216 1.38 -5.83 7.02
C LEU A 216 2.45 -6.73 7.62
N GLY A 217 2.09 -7.97 7.90
CA GLY A 217 3.03 -8.89 8.52
C GLY A 217 4.21 -9.14 7.61
N LEU A 218 3.92 -9.45 6.36
CA LEU A 218 4.99 -9.75 5.41
C LEU A 218 5.84 -8.51 5.13
N ILE A 219 5.22 -7.35 5.08
CA ILE A 219 5.95 -6.11 4.90
C ILE A 219 6.88 -5.80 6.09
N LEU A 220 6.44 -6.10 7.29
CA LEU A 220 7.29 -5.88 8.47
C LEU A 220 8.55 -6.75 8.38
N PHE A 221 8.36 -8.03 8.13
CA PHE A 221 9.51 -8.90 7.94
C PHE A 221 10.42 -8.34 6.84
N GLU A 222 9.87 -8.17 5.64
CA GLU A 222 10.67 -7.67 4.54
C GLU A 222 11.43 -6.38 4.87
N LEU A 223 10.86 -5.51 5.70
CA LEU A 223 11.53 -4.26 6.05
C LEU A 223 12.80 -4.52 6.85
N LEU A 224 12.74 -5.53 7.72
CA LEU A 224 13.82 -5.82 8.65
C LEU A 224 14.86 -6.83 8.11
N TYR A 225 14.56 -7.46 6.98
CA TYR A 225 15.39 -8.53 6.45
C TYR A 225 15.76 -8.29 4.98
N PRO A 226 16.88 -7.59 4.74
CA PRO A 226 17.35 -7.34 3.36
C PRO A 226 17.72 -8.63 2.59
N PHE A 227 17.56 -8.61 1.27
CA PHE A 227 17.95 -9.74 0.44
C PHE A 227 19.09 -9.35 -0.51
N SER A 228 19.95 -10.31 -0.86
CA SER A 228 20.99 -10.06 -1.88
C SER A 228 20.43 -10.10 -3.31
N THR A 229 19.57 -11.09 -3.58
CA THR A 229 19.00 -11.27 -4.92
C THR A 229 17.47 -11.31 -4.91
N GLN A 230 16.89 -11.05 -6.07
CA GLN A 230 15.45 -11.11 -6.22
C GLN A 230 14.92 -12.49 -5.89
N MET A 231 15.66 -13.50 -6.29
CA MET A 231 15.25 -14.88 -6.14
C MET A 231 15.30 -15.35 -4.68
N GLU A 232 16.26 -14.82 -3.93
CA GLU A 232 16.33 -15.12 -2.50
C GLU A 232 15.12 -14.48 -1.82
N ARG A 233 14.72 -13.32 -2.32
CA ARG A 233 13.56 -12.61 -1.80
C ARG A 233 12.30 -13.49 -1.95
N VAL A 234 12.06 -14.00 -3.14
CA VAL A 234 10.87 -14.80 -3.37
C VAL A 234 10.92 -16.13 -2.62
N ARG A 235 12.11 -16.72 -2.54
CA ARG A 235 12.26 -18.02 -1.87
C ARG A 235 11.96 -17.86 -0.38
N THR A 236 12.45 -16.77 0.20
CA THR A 236 12.29 -16.53 1.63
C THR A 236 10.87 -16.06 1.98
N LEU A 237 10.35 -15.10 1.24
CA LEU A 237 8.99 -14.62 1.46
C LEU A 237 7.96 -15.73 1.38
N THR A 238 8.02 -16.58 0.36
CA THR A 238 7.05 -17.66 0.30
C THR A 238 7.19 -18.58 1.50
N ASP A 239 8.41 -18.75 2.01
CA ASP A 239 8.56 -19.53 3.24
C ASP A 239 7.92 -18.84 4.45
N VAL A 240 8.15 -17.53 4.59
CA VAL A 240 7.57 -16.74 5.66
C VAL A 240 6.04 -16.78 5.64
N ARG A 241 5.41 -16.69 4.46
CA ARG A 241 3.96 -16.86 4.35
C ARG A 241 3.53 -18.13 5.04
N ASN A 242 4.39 -19.14 4.97
CA ASN A 242 4.10 -20.46 5.52
C ASN A 242 4.71 -20.61 6.91
N LEU A 243 5.03 -19.47 7.53
CA LEU A 243 5.53 -19.44 8.89
C LEU A 243 6.86 -20.17 9.10
N LYS A 244 7.67 -20.23 8.05
CA LYS A 244 9.04 -20.73 8.15
C LYS A 244 9.96 -19.51 8.09
N PHE A 245 10.65 -19.22 9.17
CA PHE A 245 11.49 -18.02 9.24
C PHE A 245 12.99 -18.32 9.21
N PRO A 246 13.79 -17.36 8.72
CA PRO A 246 15.23 -17.48 8.88
C PRO A 246 15.60 -17.35 10.36
N PRO A 247 16.45 -18.27 10.85
CA PRO A 247 16.88 -18.31 12.26
C PRO A 247 17.50 -16.99 12.67
N LEU A 248 18.29 -16.39 11.79
CA LEU A 248 18.95 -15.14 12.13
C LEU A 248 17.94 -14.03 12.35
N PHE A 249 16.80 -14.09 11.68
CA PHE A 249 15.73 -13.14 11.93
C PHE A 249 15.11 -13.34 13.31
N THR A 250 14.74 -14.57 13.62
CA THR A 250 14.11 -14.87 14.90
C THR A 250 14.99 -14.46 16.08
N GLN A 251 16.29 -14.71 15.97
CA GLN A 251 17.24 -14.37 17.04
C GLN A 251 17.48 -12.87 17.13
N LYS A 252 17.65 -12.22 15.98
CA LYS A 252 17.87 -10.77 15.94
C LYS A 252 16.65 -9.93 16.35
N TYR A 253 15.45 -10.40 16.03
CA TYR A 253 14.21 -9.63 16.23
C TYR A 253 13.13 -10.46 16.88
N PRO A 254 13.38 -10.94 18.10
CA PRO A 254 12.50 -11.92 18.73
C PRO A 254 11.06 -11.42 18.91
N CYS A 255 10.89 -10.12 19.16
CA CYS A 255 9.55 -9.57 19.38
C CYS A 255 8.83 -9.37 18.06
N GLU A 256 9.53 -8.81 17.08
CA GLU A 256 8.93 -8.60 15.77
C GLU A 256 8.57 -9.94 15.15
N TYR A 257 9.42 -10.93 15.37
CA TYR A 257 9.13 -12.29 14.96
C TYR A 257 7.76 -12.78 15.45
N VAL A 258 7.49 -12.60 16.73
CA VAL A 258 6.21 -13.02 17.31
C VAL A 258 5.04 -12.22 16.72
N MET A 259 5.20 -10.92 16.60
CA MET A 259 4.19 -10.09 15.92
C MET A 259 3.86 -10.66 14.55
N VAL A 260 4.91 -10.83 13.74
CA VAL A 260 4.75 -11.26 12.37
C VAL A 260 4.08 -12.62 12.30
N GLN A 261 4.50 -13.53 13.18
CA GLN A 261 3.86 -14.83 13.29
C GLN A 261 2.36 -14.69 13.46
N ASP A 262 1.94 -13.78 14.35
CA ASP A 262 0.52 -13.59 14.60
C ASP A 262 -0.19 -12.97 13.40
N MET A 263 0.42 -11.95 12.79
CA MET A 263 -0.22 -11.29 11.66
C MET A 263 -0.40 -12.22 10.47
N LEU A 264 0.41 -13.28 10.41
CA LEU A 264 0.35 -14.19 9.27
C LEU A 264 -0.47 -15.45 9.55
N SER A 265 -1.29 -15.42 10.60
CA SER A 265 -2.18 -16.56 10.87
C SER A 265 -3.02 -16.85 9.64
N PRO A 266 -3.08 -18.12 9.24
CA PRO A 266 -3.92 -18.58 8.11
C PRO A 266 -5.37 -18.25 8.42
N SER A 267 -5.69 -18.27 9.70
CA SER A 267 -7.04 -17.94 10.15
C SER A 267 -7.15 -16.44 10.41
N PRO A 268 -7.94 -15.73 9.60
CA PRO A 268 -8.04 -14.27 9.77
C PRO A 268 -8.45 -13.82 11.18
N MET A 269 -9.35 -14.55 11.83
CA MET A 269 -9.83 -14.18 13.15
C MET A 269 -8.66 -14.01 14.12
N GLU A 270 -7.62 -14.80 13.90
CA GLU A 270 -6.51 -14.87 14.83
C GLU A 270 -5.57 -13.69 14.72
N ARG A 271 -5.59 -12.96 13.60
CA ARG A 271 -4.67 -11.84 13.40
C ARG A 271 -5.05 -10.66 14.28
N PRO A 272 -4.06 -9.91 14.77
CA PRO A 272 -4.34 -8.79 15.65
C PRO A 272 -4.98 -7.66 14.88
N GLU A 273 -5.78 -6.86 15.58
CA GLU A 273 -6.27 -5.60 15.06
C GLU A 273 -5.12 -4.63 14.82
N ALA A 274 -5.31 -3.72 13.89
CA ALA A 274 -4.27 -2.78 13.55
C ALA A 274 -3.90 -1.95 14.77
N ILE A 275 -4.90 -1.64 15.60
CA ILE A 275 -4.65 -0.85 16.80
C ILE A 275 -3.76 -1.62 17.78
N ASN A 276 -3.96 -2.92 17.91
CA ASN A 276 -3.10 -3.72 18.79
C ASN A 276 -1.65 -3.67 18.30
N ILE A 277 -1.45 -3.67 17.00
CA ILE A 277 -0.12 -3.66 16.42
C ILE A 277 0.58 -2.33 16.67
N ILE A 278 -0.14 -1.24 16.44
CA ILE A 278 0.41 0.07 16.67
C ILE A 278 0.79 0.30 18.13
N GLU A 279 0.04 -0.33 19.03
CA GLU A 279 0.27 -0.16 20.46
C GLU A 279 1.30 -1.16 21.01
N ASN A 280 1.87 -1.97 20.12
CA ASN A 280 2.77 -3.01 20.57
C ASN A 280 4.05 -2.39 21.16
N ALA A 281 4.59 -3.02 22.19
CA ALA A 281 5.81 -2.53 22.82
C ALA A 281 6.95 -2.26 21.83
N VAL A 282 7.06 -3.07 20.77
CA VAL A 282 8.18 -2.91 19.83
C VAL A 282 8.30 -1.46 19.33
N PHE A 283 7.20 -0.73 19.34
CA PHE A 283 7.20 0.64 18.81
C PHE A 283 7.34 1.72 19.88
N GLU A 284 7.61 1.30 21.11
CA GLU A 284 7.66 2.26 22.23
C GLU A 284 8.85 3.23 22.19
N ASP A 285 9.98 2.79 21.67
CA ASP A 285 11.07 3.72 21.41
C ASP A 285 10.65 4.69 20.31
N LEU A 286 10.24 5.90 20.69
CA LEU A 286 9.79 6.89 19.73
C LEU A 286 10.95 7.64 19.10
C01 27D B . -10.80 9.48 -5.07
C02 27D B . -9.76 9.17 -3.98
C03 27D B . -9.55 10.07 -2.91
C04 27D B . -8.62 9.78 -1.93
C05 27D B . -7.89 8.62 -2.00
C06 27D B . -8.11 7.74 -3.07
C07 27D B . -7.32 6.46 -3.17
C08 27D B . -5.81 6.62 -3.48
O 27D B . -4.96 6.60 -2.58
N01 27D B . -5.38 6.78 -4.89
C09 27D B . -6.25 6.78 -6.03
C10 27D B . -5.41 6.74 -7.21
C11 27D B . -4.01 6.77 -6.75
C12 27D B . -4.00 6.84 -5.32
C13 27D B . -2.77 6.83 -4.62
C14 27D B . -1.55 6.82 -5.33
C15 27D B . -1.54 6.80 -6.74
C16 27D B . -0.28 6.73 -7.41
C17 27D B . 0.06 5.62 -8.18
N02 27D B . 1.34 5.78 -8.65
C18 27D B . 2.06 4.85 -9.52
C19 27D B . 1.83 6.99 -8.15
N03 27D B . 3.03 7.59 -8.33
C20 27D B . 3.30 8.79 -7.73
N04 27D B . 2.35 9.39 -6.96
C21 27D B . 1.14 8.80 -6.78
N05 27D B . 0.17 9.47 -5.96
C22 27D B . 0.86 7.58 -7.38
C 27D B . -2.80 6.75 -7.45
F 27D B . -2.86 6.70 -8.75
N 27D B . -9.04 8.00 -4.05
#